data_6G7O
#
_entry.id   6G7O
#
_cell.length_a   60.880
_cell.length_b   68.830
_cell.length_c   257.520
_cell.angle_alpha   90.000
_cell.angle_beta   90.000
_cell.angle_gamma   90.000
#
_symmetry.space_group_name_H-M   'C 2 2 21'
#
loop_
_entity.id
_entity.type
_entity.pdbx_description
1 polymer 'Alkaline ceramidase 3,Soluble cytochrome b562'
2 non-polymer 'ZINC ION'
3 non-polymer 'SULFATE ION'
4 non-polymer 'SODIUM ION'
5 non-polymer '(2S)-2,3-dihydroxypropyl (9Z)-octadec-9-enoate'
6 non-polymer 'CALCIUM ION'
7 non-polymer 'MAGNESIUM ION'
8 water water
#
_entity_poly.entity_id   1
_entity_poly.type   'polypeptide(L)'
_entity_poly.pdbx_seq_one_letter_code
;FAPAADREGYWGPTTSTLDWCEENYSVTWYIAEFWNTVSNLIMIIPPMFGAVQSVRDGLEKRYIASYLALTVVGMGSWCF
HMTLKYEMQLLDELPMIYSCCIFVYCMFECFKIKNSVNYHLLFTLVLFSLIVTTVYLKVKEPIFHQVMYGMLVFTLVLRS
IYIVTWVYPWLRGLGYTSLGIFLLGFLFWNIDNIFCESLRNFRKKVPPIIGITTQFHAWWHILTGLGSYLHILFSLYTRT
LYLRADLEDNWETLNDNLKVIEKADNAAQVKDALTKMRAAALDAQKATPPKLEDKSPDSPEMKDFRHGFDILVGQIDDAL
KLANEGKVKEAQAAAEQLKTTRNAYIQKYL
;
_entity_poly.pdbx_strand_id   A
#
# COMPACT_ATOMS: atom_id res chain seq x y z
N PHE A 1 -16.40 41.51 19.75
CA PHE A 1 -15.48 42.29 20.59
C PHE A 1 -14.01 42.11 20.13
N ALA A 2 -13.09 42.88 20.76
CA ALA A 2 -11.66 42.84 20.47
C ALA A 2 -10.86 42.39 21.73
N PRO A 3 -10.86 41.07 22.07
CA PRO A 3 -10.13 40.62 23.26
C PRO A 3 -8.69 40.18 22.93
N ALA A 4 -8.14 39.22 23.70
CA ALA A 4 -6.79 38.69 23.48
C ALA A 4 -6.81 37.57 22.44
N ALA A 5 -5.88 37.61 21.47
CA ALA A 5 -5.77 36.62 20.40
C ALA A 5 -5.23 35.28 20.91
N ASP A 6 -5.86 34.17 20.46
CA ASP A 6 -5.48 32.81 20.85
C ASP A 6 -4.16 32.33 20.22
N ARG A 7 -3.74 32.94 19.10
CA ARG A 7 -2.49 32.58 18.40
C ARG A 7 -1.28 33.14 19.19
N GLU A 8 -0.74 32.30 20.08
CA GLU A 8 0.39 32.64 20.96
C GLU A 8 1.73 32.38 20.24
N GLY A 9 2.10 33.28 19.36
CA GLY A 9 3.30 33.08 18.58
C GLY A 9 4.59 32.98 19.34
N TYR A 10 5.41 32.03 18.91
CA TYR A 10 6.75 31.79 19.44
C TYR A 10 7.57 31.05 18.34
N TRP A 11 8.89 31.14 18.41
CA TRP A 11 9.86 30.51 17.51
C TRP A 11 9.80 30.90 16.02
N GLY A 12 9.52 32.17 15.78
CA GLY A 12 9.47 32.74 14.45
C GLY A 12 8.11 33.15 13.99
N PRO A 13 8.01 34.11 13.06
CA PRO A 13 6.66 34.46 12.60
C PRO A 13 6.13 33.60 11.44
N THR A 14 4.80 33.63 11.25
CA THR A 14 4.12 32.88 10.19
C THR A 14 4.29 33.61 8.86
N THR A 15 5.12 33.07 7.96
CA THR A 15 5.38 33.65 6.64
C THR A 15 4.66 32.88 5.51
N SER A 16 3.99 31.75 5.87
CA SER A 16 3.23 30.91 4.94
C SER A 16 2.00 31.63 4.41
N THR A 17 1.54 31.28 3.19
CA THR A 17 0.38 31.88 2.52
C THR A 17 -0.94 31.65 3.27
N LEU A 18 -1.04 30.56 4.05
CA LEU A 18 -2.25 30.25 4.80
C LEU A 18 -1.97 29.62 6.18
N ASP A 19 -2.81 29.98 7.18
CA ASP A 19 -2.74 29.49 8.55
C ASP A 19 -4.07 28.84 8.92
N TRP A 20 -4.01 27.61 9.43
CA TRP A 20 -5.19 26.83 9.81
C TRP A 20 -5.83 27.28 11.13
N CYS A 21 -7.05 26.80 11.40
CA CYS A 21 -7.87 27.11 12.57
C CYS A 21 -7.22 26.82 13.92
N GLU A 22 -6.30 25.82 13.97
CA GLU A 22 -5.61 25.46 15.21
C GLU A 22 -4.75 26.61 15.71
N GLU A 23 -4.94 26.97 17.00
CA GLU A 23 -4.25 28.06 17.70
C GLU A 23 -2.74 27.82 17.67
N ASN A 24 -1.99 28.84 17.21
CA ASN A 24 -0.54 28.78 17.06
C ASN A 24 0.17 28.73 18.42
N TYR A 25 0.94 27.64 18.65
CA TYR A 25 1.73 27.36 19.87
C TYR A 25 0.87 27.42 21.16
N SER A 26 -0.31 26.76 21.14
CA SER A 26 -1.25 26.72 22.26
C SER A 26 -0.92 25.64 23.29
N VAL A 27 -0.53 24.43 22.83
CA VAL A 27 -0.16 23.31 23.69
C VAL A 27 1.26 23.49 24.22
N THR A 28 2.22 23.75 23.30
CA THR A 28 3.64 23.97 23.60
C THR A 28 4.24 25.02 22.65
N TRP A 29 5.24 25.77 23.14
CA TRP A 29 5.90 26.80 22.33
C TRP A 29 6.95 26.23 21.35
N TYR A 30 7.28 24.94 21.50
CA TYR A 30 8.25 24.22 20.67
C TYR A 30 7.73 24.00 19.25
N ILE A 31 6.44 23.62 19.10
CA ILE A 31 5.81 23.39 17.79
C ILE A 31 4.46 24.10 17.66
N ALA A 32 4.19 24.65 16.46
CA ALA A 32 2.93 25.32 16.13
C ALA A 32 1.91 24.28 15.70
N GLU A 33 0.61 24.57 15.91
CA GLU A 33 -0.52 23.69 15.54
C GLU A 33 -0.21 22.22 15.93
N PHE A 34 0.04 22.02 17.25
CA PHE A 34 0.41 20.75 17.89
C PHE A 34 -0.28 19.51 17.31
N TRP A 35 -1.63 19.49 17.33
CA TRP A 35 -2.41 18.36 16.83
C TRP A 35 -2.35 18.19 15.32
N ASN A 36 -2.18 19.30 14.56
CA ASN A 36 -2.03 19.25 13.10
C ASN A 36 -0.63 18.72 12.73
N THR A 37 0.32 18.84 13.68
CA THR A 37 1.71 18.38 13.53
C THR A 37 1.84 16.90 13.89
N VAL A 38 1.44 16.49 15.12
CA VAL A 38 1.55 15.11 15.62
C VAL A 38 0.65 14.10 14.84
N SER A 39 -0.45 14.57 14.21
CA SER A 39 -1.36 13.72 13.42
C SER A 39 -0.70 13.17 12.15
N ASN A 40 0.42 13.77 11.73
CA ASN A 40 1.20 13.36 10.55
C ASN A 40 2.02 12.09 10.78
N LEU A 41 2.13 11.62 12.05
CA LEU A 41 2.85 10.40 12.43
C LEU A 41 2.29 9.14 11.76
N ILE A 42 0.97 9.12 11.49
CA ILE A 42 0.30 8.00 10.81
C ILE A 42 0.61 8.01 9.30
N MET A 43 1.16 9.13 8.80
CA MET A 43 1.56 9.31 7.40
C MET A 43 3.10 9.18 7.30
N ILE A 44 3.76 8.89 8.44
CA ILE A 44 5.22 8.69 8.54
C ILE A 44 5.55 7.24 8.94
N ILE A 45 5.02 6.77 10.09
CA ILE A 45 5.28 5.43 10.62
C ILE A 45 4.67 4.31 9.71
N PRO A 46 3.33 4.16 9.52
CA PRO A 46 2.83 3.09 8.63
C PRO A 46 3.37 3.07 7.18
N PRO A 47 3.51 4.20 6.42
CA PRO A 47 4.06 4.08 5.05
C PRO A 47 5.52 3.64 5.00
N MET A 48 6.32 3.98 6.03
CA MET A 48 7.73 3.60 6.14
C MET A 48 7.82 2.09 6.43
N PHE A 49 6.85 1.56 7.23
CA PHE A 49 6.71 0.15 7.56
C PHE A 49 6.32 -0.65 6.32
N GLY A 50 5.52 -0.02 5.44
CA GLY A 50 5.08 -0.58 4.18
C GLY A 50 6.19 -0.58 3.14
N ALA A 51 7.09 0.42 3.21
CA ALA A 51 8.24 0.58 2.32
C ALA A 51 9.31 -0.49 2.58
N VAL A 52 9.62 -0.76 3.86
CA VAL A 52 10.63 -1.76 4.27
C VAL A 52 10.12 -3.20 4.04
N GLN A 53 8.79 -3.40 4.12
CA GLN A 53 8.15 -4.70 3.88
C GLN A 53 8.18 -5.01 2.38
N SER A 54 8.07 -3.96 1.54
CA SER A 54 8.08 -4.06 0.09
C SER A 54 9.45 -4.44 -0.48
N VAL A 55 10.55 -3.91 0.09
CA VAL A 55 11.92 -4.24 -0.33
C VAL A 55 12.31 -5.65 0.13
N ARG A 56 11.81 -6.08 1.32
CA ARG A 56 12.07 -7.39 1.89
C ARG A 56 11.38 -8.50 1.09
N ASP A 57 10.12 -8.24 0.65
CA ASP A 57 9.33 -9.18 -0.15
C ASP A 57 9.70 -9.15 -1.65
N GLY A 58 10.58 -8.21 -2.02
CA GLY A 58 11.08 -8.04 -3.38
C GLY A 58 10.04 -7.54 -4.37
N LEU A 59 9.20 -6.59 -3.94
CA LEU A 59 8.14 -6.00 -4.77
C LEU A 59 8.71 -4.98 -5.77
N GLU A 60 7.89 -4.55 -6.75
CA GLU A 60 8.27 -3.60 -7.80
C GLU A 60 8.60 -2.22 -7.23
N LYS A 61 9.64 -1.56 -7.80
CA LYS A 61 10.16 -0.24 -7.43
C LYS A 61 9.08 0.83 -7.25
N ARG A 62 8.10 0.88 -8.19
CA ARG A 62 6.99 1.83 -8.20
C ARG A 62 6.10 1.74 -6.95
N TYR A 63 6.01 0.54 -6.35
CA TYR A 63 5.24 0.30 -5.12
C TYR A 63 6.05 0.67 -3.87
N ILE A 64 7.40 0.60 -3.96
CA ILE A 64 8.33 0.99 -2.89
C ILE A 64 8.33 2.53 -2.86
N ALA A 65 8.42 3.15 -4.06
CA ALA A 65 8.44 4.60 -4.26
C ALA A 65 7.15 5.26 -3.78
N SER A 66 5.98 4.61 -4.02
CA SER A 66 4.66 5.08 -3.61
C SER A 66 4.54 5.17 -2.08
N TYR A 67 5.12 4.20 -1.35
CA TYR A 67 5.14 4.15 0.11
C TYR A 67 6.05 5.24 0.67
N LEU A 68 7.22 5.44 0.03
CA LEU A 68 8.22 6.45 0.42
C LEU A 68 7.73 7.86 0.14
N ALA A 69 6.97 8.04 -0.97
CA ALA A 69 6.40 9.32 -1.38
C ALA A 69 5.39 9.83 -0.35
N LEU A 70 4.57 8.92 0.22
CA LEU A 70 3.59 9.25 1.27
C LEU A 70 4.29 9.63 2.58
N THR A 71 5.50 9.05 2.83
CA THR A 71 6.31 9.36 4.01
C THR A 71 6.87 10.78 3.88
N VAL A 72 7.24 11.19 2.64
CA VAL A 72 7.75 12.53 2.30
C VAL A 72 6.63 13.57 2.53
N VAL A 73 5.37 13.21 2.14
CA VAL A 73 4.17 14.04 2.32
C VAL A 73 3.91 14.22 3.82
N GLY A 74 4.06 13.14 4.60
CA GLY A 74 3.90 13.12 6.04
C GLY A 74 4.94 13.95 6.76
N MET A 75 6.23 13.76 6.39
CA MET A 75 7.39 14.48 6.95
C MET A 75 7.33 15.98 6.60
N GLY A 76 6.87 16.28 5.39
CA GLY A 76 6.70 17.63 4.89
C GLY A 76 5.63 18.40 5.63
N SER A 77 4.49 17.73 5.89
CA SER A 77 3.35 18.26 6.64
C SER A 77 3.75 18.48 8.10
N TRP A 78 4.58 17.55 8.64
CA TRP A 78 5.12 17.60 10.01
C TRP A 78 6.03 18.82 10.17
N CYS A 79 6.79 19.16 9.10
CA CYS A 79 7.70 20.30 9.05
C CYS A 79 6.96 21.61 8.79
N PHE A 80 5.88 21.57 7.97
CA PHE A 80 5.08 22.75 7.63
C PHE A 80 4.25 23.24 8.82
N HIS A 81 3.47 22.35 9.46
CA HIS A 81 2.63 22.71 10.61
C HIS A 81 3.42 23.20 11.81
N MET A 82 4.64 22.66 12.02
CA MET A 82 5.57 23.01 13.10
C MET A 82 6.13 24.44 12.97
N THR A 83 6.60 24.81 11.76
CA THR A 83 7.24 26.11 11.49
C THR A 83 6.28 27.19 10.98
N LEU A 84 5.31 26.81 10.13
CA LEU A 84 4.30 27.68 9.48
C LEU A 84 4.96 28.76 8.59
N LYS A 85 6.02 28.36 7.86
CA LYS A 85 6.76 29.22 6.92
C LYS A 85 6.60 28.71 5.48
N TYR A 86 6.75 29.62 4.48
CA TYR A 86 6.61 29.29 3.05
C TYR A 86 7.59 28.22 2.56
N GLU A 87 8.82 28.18 3.14
CA GLU A 87 9.88 27.22 2.79
C GLU A 87 9.45 25.78 3.06
N MET A 88 8.84 25.52 4.24
CA MET A 88 8.37 24.19 4.64
C MET A 88 6.98 23.88 4.08
N GLN A 89 6.23 24.93 3.67
CA GLN A 89 4.89 24.83 3.07
C GLN A 89 4.94 24.10 1.74
N LEU A 90 5.99 24.40 0.93
CA LEU A 90 6.23 23.78 -0.38
C LEU A 90 6.63 22.32 -0.19
N LEU A 91 7.38 22.01 0.90
CA LEU A 91 7.85 20.68 1.26
C LEU A 91 6.68 19.75 1.65
N ASP A 92 5.47 20.33 1.83
CA ASP A 92 4.25 19.61 2.18
C ASP A 92 3.29 19.48 1.00
N GLU A 93 2.98 20.62 0.34
CA GLU A 93 2.02 20.69 -0.77
C GLU A 93 2.55 20.17 -2.12
N LEU A 94 3.84 20.41 -2.44
CA LEU A 94 4.40 19.92 -3.71
C LEU A 94 4.54 18.38 -3.73
N PRO A 95 5.03 17.68 -2.67
CA PRO A 95 5.08 16.20 -2.72
C PRO A 95 3.73 15.50 -2.85
N MET A 96 2.61 16.21 -2.55
CA MET A 96 1.24 15.71 -2.70
C MET A 96 0.93 15.48 -4.17
N ILE A 97 1.47 16.35 -5.05
CA ILE A 97 1.31 16.29 -6.51
C ILE A 97 2.16 15.12 -7.04
N TYR A 98 3.43 15.02 -6.56
CA TYR A 98 4.37 13.98 -6.97
C TYR A 98 3.96 12.58 -6.55
N SER A 99 3.50 12.42 -5.28
CA SER A 99 3.04 11.14 -4.73
C SER A 99 1.83 10.62 -5.50
N CYS A 100 0.89 11.53 -5.84
CA CYS A 100 -0.32 11.24 -6.61
C CYS A 100 0.04 10.83 -8.03
N CYS A 101 1.07 11.46 -8.62
CA CYS A 101 1.58 11.16 -9.95
C CYS A 101 2.15 9.73 -10.00
N ILE A 102 2.85 9.31 -8.92
CA ILE A 102 3.40 7.97 -8.74
C ILE A 102 2.23 6.97 -8.63
N PHE A 103 1.20 7.33 -7.83
CA PHE A 103 -0.01 6.52 -7.63
C PHE A 103 -0.77 6.32 -8.93
N VAL A 104 -0.85 7.38 -9.77
CA VAL A 104 -1.51 7.35 -11.09
C VAL A 104 -0.75 6.39 -12.01
N TYR A 105 0.60 6.44 -11.99
CA TYR A 105 1.46 5.55 -12.79
C TYR A 105 1.20 4.09 -12.41
N CYS A 106 1.21 3.77 -11.10
CA CYS A 106 0.97 2.44 -10.55
C CYS A 106 -0.40 1.89 -10.95
N MET A 107 -1.44 2.74 -10.87
CA MET A 107 -2.83 2.38 -11.18
C MET A 107 -3.10 2.11 -12.65
N PHE A 108 -2.37 2.78 -13.57
CA PHE A 108 -2.54 2.58 -15.01
C PHE A 108 -1.62 1.50 -15.59
N GLU A 109 -0.56 1.14 -14.84
CA GLU A 109 0.43 0.13 -15.23
C GLU A 109 0.26 -1.22 -14.51
N CYS A 110 -0.82 -1.37 -13.70
CA CYS A 110 -1.13 -2.57 -12.92
C CYS A 110 -1.34 -3.84 -13.77
N PHE A 111 -1.88 -3.69 -15.00
CA PHE A 111 -2.14 -4.82 -15.90
C PHE A 111 -1.09 -4.96 -17.01
N LYS A 112 0.05 -4.27 -16.85
CA LYS A 112 1.15 -4.30 -17.82
C LYS A 112 2.12 -5.42 -17.46
N ILE A 113 2.87 -5.91 -18.47
CA ILE A 113 3.89 -6.96 -18.33
C ILE A 113 4.98 -6.54 -17.33
N LYS A 114 5.53 -7.50 -16.56
CA LYS A 114 6.58 -7.25 -15.58
C LYS A 114 7.84 -6.71 -16.23
N ASN A 115 8.53 -5.78 -15.52
CA ASN A 115 9.78 -5.11 -15.95
C ASN A 115 9.60 -4.33 -17.27
N SER A 116 8.54 -3.52 -17.34
CA SER A 116 8.22 -2.68 -18.50
C SER A 116 7.89 -1.26 -18.03
N VAL A 117 8.42 -0.26 -18.75
CA VAL A 117 8.20 1.15 -18.43
C VAL A 117 7.44 1.82 -19.57
N ASN A 118 6.37 2.56 -19.22
CA ASN A 118 5.58 3.34 -20.17
C ASN A 118 6.12 4.77 -20.07
N TYR A 119 7.05 5.11 -20.97
CA TYR A 119 7.70 6.43 -21.01
C TYR A 119 6.74 7.54 -21.40
N HIS A 120 5.68 7.21 -22.18
CA HIS A 120 4.66 8.16 -22.59
C HIS A 120 3.88 8.68 -21.39
N LEU A 121 3.43 7.78 -20.48
CA LEU A 121 2.72 8.16 -19.26
C LEU A 121 3.68 8.81 -18.26
N LEU A 122 4.93 8.29 -18.16
CA LEU A 122 5.98 8.79 -17.27
C LEU A 122 6.35 10.24 -17.58
N PHE A 123 6.57 10.57 -18.88
CA PHE A 123 6.91 11.93 -19.29
C PHE A 123 5.72 12.89 -19.19
N THR A 124 4.48 12.37 -19.28
CA THR A 124 3.25 13.16 -19.14
C THR A 124 3.10 13.61 -17.68
N LEU A 125 3.28 12.66 -16.72
CA LEU A 125 3.20 12.90 -15.29
C LEU A 125 4.32 13.83 -14.80
N VAL A 126 5.53 13.70 -15.39
CA VAL A 126 6.70 14.55 -15.08
C VAL A 126 6.42 15.98 -15.59
N LEU A 127 5.90 16.10 -16.83
CA LEU A 127 5.52 17.38 -17.45
C LEU A 127 4.40 18.06 -16.66
N PHE A 128 3.39 17.28 -16.20
CA PHE A 128 2.27 17.78 -15.42
C PHE A 128 2.76 18.32 -14.06
N SER A 129 3.60 17.53 -13.35
CA SER A 129 4.16 17.91 -12.06
C SER A 129 5.11 19.10 -12.18
N LEU A 130 5.83 19.23 -13.32
CA LEU A 130 6.74 20.34 -13.58
C LEU A 130 5.97 21.62 -13.84
N ILE A 131 4.89 21.56 -14.64
CA ILE A 131 4.02 22.70 -14.96
C ILE A 131 3.33 23.20 -13.68
N VAL A 132 2.71 22.28 -12.90
CA VAL A 132 2.03 22.58 -11.63
C VAL A 132 2.96 23.29 -10.63
N THR A 133 4.20 22.78 -10.45
CA THR A 133 5.21 23.33 -9.54
C THR A 133 5.65 24.75 -9.95
N THR A 134 6.08 24.93 -11.22
CA THR A 134 6.57 26.20 -11.79
C THR A 134 5.58 27.36 -11.58
N VAL A 135 4.30 27.16 -11.93
CA VAL A 135 3.26 28.19 -11.78
C VAL A 135 2.88 28.40 -10.30
N TYR A 136 2.88 27.33 -9.48
CA TYR A 136 2.56 27.43 -8.04
C TYR A 136 3.58 28.28 -7.27
N LEU A 137 4.86 28.23 -7.70
CA LEU A 137 5.95 29.00 -7.11
C LEU A 137 5.83 30.48 -7.50
N LYS A 138 5.48 30.76 -8.78
CA LYS A 138 5.31 32.12 -9.32
C LYS A 138 4.04 32.75 -8.76
N VAL A 139 2.85 32.20 -9.09
CA VAL A 139 1.58 32.67 -8.53
C VAL A 139 1.29 31.81 -7.27
N LYS A 140 1.55 32.42 -6.10
CA LYS A 140 1.46 31.80 -4.77
C LYS A 140 0.02 31.47 -4.27
N GLU A 141 -0.96 31.33 -5.20
CA GLU A 141 -2.34 31.01 -4.86
C GLU A 141 -2.49 29.54 -4.40
N PRO A 142 -2.98 29.29 -3.15
CA PRO A 142 -3.11 27.89 -2.69
C PRO A 142 -4.30 27.15 -3.30
N ILE A 143 -5.29 27.88 -3.85
CA ILE A 143 -6.50 27.33 -4.48
C ILE A 143 -6.12 26.53 -5.74
N PHE A 144 -5.12 27.01 -6.52
CA PHE A 144 -4.61 26.34 -7.73
C PHE A 144 -4.09 24.94 -7.42
N HIS A 145 -3.31 24.81 -6.31
CA HIS A 145 -2.75 23.54 -5.85
C HIS A 145 -3.87 22.54 -5.53
N GLN A 146 -4.93 23.01 -4.83
CA GLN A 146 -6.11 22.23 -4.44
C GLN A 146 -6.88 21.70 -5.65
N VAL A 147 -6.93 22.49 -6.75
CA VAL A 147 -7.62 22.13 -8.00
C VAL A 147 -6.81 21.06 -8.76
N MET A 148 -5.49 21.28 -8.94
CA MET A 148 -4.59 20.36 -9.64
C MET A 148 -4.36 19.05 -8.89
N TYR A 149 -4.40 19.08 -7.55
CA TYR A 149 -4.28 17.89 -6.69
C TYR A 149 -5.60 17.11 -6.77
N GLY A 150 -6.71 17.86 -6.83
CA GLY A 150 -8.07 17.32 -6.92
C GLY A 150 -8.33 16.53 -8.18
N MET A 151 -7.84 17.03 -9.34
CA MET A 151 -8.01 16.36 -10.63
C MET A 151 -7.12 15.10 -10.74
N LEU A 152 -5.98 15.08 -10.01
CA LEU A 152 -5.07 13.93 -9.96
C LEU A 152 -5.74 12.83 -9.14
N VAL A 153 -6.41 13.21 -8.03
CA VAL A 153 -7.16 12.31 -7.15
C VAL A 153 -8.38 11.79 -7.92
N PHE A 154 -9.05 12.66 -8.70
CA PHE A 154 -10.22 12.32 -9.53
C PHE A 154 -9.90 11.25 -10.59
N THR A 155 -8.75 11.36 -11.27
CA THR A 155 -8.30 10.39 -12.29
C THR A 155 -7.93 9.06 -11.62
N LEU A 156 -7.40 9.15 -10.38
CA LEU A 156 -7.01 8.01 -9.55
C LEU A 156 -8.26 7.29 -9.03
N VAL A 157 -9.35 8.04 -8.77
CA VAL A 157 -10.64 7.54 -8.30
C VAL A 157 -11.35 6.76 -9.42
N LEU A 158 -11.39 7.33 -10.65
CA LEU A 158 -12.01 6.72 -11.83
C LEU A 158 -11.36 5.39 -12.21
N ARG A 159 -10.02 5.30 -12.11
CA ARG A 159 -9.25 4.09 -12.41
C ARG A 159 -9.57 3.02 -11.37
N SER A 160 -9.62 3.41 -10.07
CA SER A 160 -9.96 2.53 -8.96
C SER A 160 -11.40 2.02 -9.07
N ILE A 161 -12.30 2.86 -9.62
CA ILE A 161 -13.71 2.51 -9.87
C ILE A 161 -13.79 1.53 -11.05
N TYR A 162 -13.03 1.78 -12.14
CA TYR A 162 -12.98 0.90 -13.32
C TYR A 162 -12.49 -0.51 -12.95
N ILE A 163 -11.42 -0.59 -12.15
CA ILE A 163 -10.81 -1.84 -11.69
C ILE A 163 -11.80 -2.65 -10.84
N VAL A 164 -12.46 -2.01 -9.86
CA VAL A 164 -13.41 -2.67 -8.98
C VAL A 164 -14.73 -3.08 -9.69
N THR A 165 -15.11 -2.38 -10.77
CA THR A 165 -16.36 -2.67 -11.51
C THR A 165 -16.15 -3.69 -12.64
N TRP A 166 -14.98 -3.67 -13.31
CA TRP A 166 -14.74 -4.54 -14.47
C TRP A 166 -13.71 -5.64 -14.30
N VAL A 167 -12.64 -5.41 -13.50
CA VAL A 167 -11.58 -6.42 -13.36
C VAL A 167 -11.67 -7.21 -12.04
N TYR A 168 -11.46 -6.54 -10.88
CA TYR A 168 -11.48 -7.19 -9.58
C TYR A 168 -12.60 -6.70 -8.66
N PRO A 169 -13.80 -7.34 -8.70
CA PRO A 169 -14.88 -6.93 -7.78
C PRO A 169 -14.63 -7.28 -6.31
N TRP A 170 -13.59 -8.10 -6.04
CA TRP A 170 -13.15 -8.52 -4.70
C TRP A 170 -12.64 -7.33 -3.89
N LEU A 171 -11.99 -6.36 -4.57
CA LEU A 171 -11.42 -5.16 -3.97
C LEU A 171 -12.46 -4.03 -3.76
N ARG A 172 -13.74 -4.40 -3.59
CA ARG A 172 -14.86 -3.47 -3.37
C ARG A 172 -14.79 -2.86 -2.00
N GLY A 173 -14.62 -3.71 -0.98
CA GLY A 173 -14.50 -3.32 0.41
C GLY A 173 -13.33 -2.40 0.65
N LEU A 174 -12.14 -2.77 0.13
CA LEU A 174 -10.90 -2.00 0.25
C LEU A 174 -10.91 -0.70 -0.58
N GLY A 175 -11.35 -0.80 -1.83
CA GLY A 175 -11.41 0.32 -2.77
C GLY A 175 -12.37 1.44 -2.38
N TYR A 176 -13.59 1.06 -2.04
CA TYR A 176 -14.59 1.99 -1.56
C TYR A 176 -14.33 2.53 -0.16
N THR A 177 -13.76 1.71 0.71
CA THR A 177 -13.41 2.13 2.06
C THR A 177 -12.38 3.20 2.04
N SER A 178 -11.42 3.05 1.16
CA SER A 178 -10.37 4.02 0.99
C SER A 178 -10.96 5.32 0.52
N LEU A 179 -11.86 5.23 -0.42
CA LEU A 179 -12.47 6.40 -0.96
C LEU A 179 -13.30 7.14 0.05
N GLY A 180 -14.06 6.42 0.83
CA GLY A 180 -14.93 7.04 1.80
C GLY A 180 -14.28 7.79 2.91
N ILE A 181 -13.24 7.23 3.49
CA ILE A 181 -12.55 7.91 4.56
C ILE A 181 -11.91 9.18 4.03
N PHE A 182 -11.43 9.08 2.82
CA PHE A 182 -10.73 10.20 2.19
C PHE A 182 -11.68 11.39 2.03
N LEU A 183 -12.93 11.11 1.59
CA LEU A 183 -13.98 12.12 1.41
C LEU A 183 -14.47 12.62 2.76
N LEU A 184 -14.41 11.76 3.80
CA LEU A 184 -14.76 12.07 5.19
C LEU A 184 -13.70 13.04 5.74
N GLY A 185 -12.44 12.80 5.37
CA GLY A 185 -11.29 13.62 5.74
C GLY A 185 -11.37 14.97 5.06
N PHE A 186 -11.75 14.97 3.76
CA PHE A 186 -11.93 16.17 2.94
C PHE A 186 -13.13 17.00 3.42
N LEU A 187 -14.15 16.32 4.01
CA LEU A 187 -15.34 16.98 4.59
C LEU A 187 -14.89 17.74 5.84
N PHE A 188 -14.08 17.09 6.70
CA PHE A 188 -13.53 17.65 7.94
C PHE A 188 -12.59 18.82 7.66
N TRP A 189 -11.86 18.76 6.53
CA TRP A 189 -10.93 19.79 6.04
C TRP A 189 -11.66 21.13 5.85
N ASN A 190 -12.90 21.08 5.33
CA ASN A 190 -13.75 22.25 5.10
C ASN A 190 -14.42 22.72 6.41
N ILE A 191 -14.63 21.79 7.37
CA ILE A 191 -15.22 22.07 8.69
C ILE A 191 -14.27 22.96 9.49
N ASP A 192 -12.95 22.68 9.43
CA ASP A 192 -11.92 23.46 10.12
C ASP A 192 -11.75 24.83 9.46
N ASN A 193 -11.92 24.90 8.11
CA ASN A 193 -11.79 26.14 7.33
C ASN A 193 -13.00 27.08 7.45
N ILE A 194 -14.22 26.59 7.13
CA ILE A 194 -15.46 27.37 7.17
C ILE A 194 -15.94 27.61 8.62
N PHE A 195 -16.22 26.52 9.36
CA PHE A 195 -16.69 26.57 10.74
C PHE A 195 -15.51 26.68 11.74
N CYS A 196 -14.65 27.70 11.53
CA CYS A 196 -13.49 27.95 12.39
C CYS A 196 -13.91 28.60 13.71
N GLU A 197 -14.23 27.77 14.70
CA GLU A 197 -14.67 28.21 16.03
C GLU A 197 -13.86 27.57 17.16
N SER A 198 -13.32 28.41 18.01
CA SER A 198 -12.59 27.97 19.19
C SER A 198 -13.50 27.88 20.42
N LEU A 199 -14.79 28.03 20.20
CA LEU A 199 -15.79 28.01 21.24
C LEU A 199 -15.82 26.71 21.99
N ARG A 200 -15.81 25.60 21.27
CA ARG A 200 -15.84 24.28 21.90
C ARG A 200 -14.55 24.08 22.69
N ASN A 201 -13.44 24.49 22.08
CA ASN A 201 -12.14 24.34 22.69
C ASN A 201 -12.12 25.13 23.96
N PHE A 202 -12.59 26.37 23.87
CA PHE A 202 -12.63 27.25 25.01
C PHE A 202 -13.60 26.93 26.14
N ARG A 203 -14.81 26.49 25.81
CA ARG A 203 -15.77 26.27 26.88
C ARG A 203 -15.45 25.23 27.95
N LYS A 204 -15.01 24.03 27.57
CA LYS A 204 -14.68 23.00 28.57
C LYS A 204 -13.86 21.82 28.12
N LYS A 205 -13.25 21.18 29.11
CA LYS A 205 -12.54 19.93 28.98
C LYS A 205 -11.63 19.90 27.80
N VAL A 206 -10.79 20.91 27.69
CA VAL A 206 -9.92 21.00 26.55
C VAL A 206 -8.95 19.83 26.44
N PRO A 207 -8.45 19.33 27.55
CA PRO A 207 -7.50 18.21 27.51
C PRO A 207 -8.07 16.95 26.84
N PRO A 208 -9.34 16.67 27.05
CA PRO A 208 -9.98 15.53 26.41
C PRO A 208 -10.30 15.81 24.97
N ILE A 209 -10.77 14.78 24.27
CA ILE A 209 -11.06 14.76 22.83
C ILE A 209 -12.03 15.79 22.28
N ILE A 210 -12.90 16.29 23.16
CA ILE A 210 -13.83 17.36 22.85
C ILE A 210 -12.98 18.55 22.46
N GLY A 211 -11.96 18.85 23.25
CA GLY A 211 -11.05 19.89 22.89
C GLY A 211 -10.30 19.45 21.65
N ILE A 212 -9.97 18.18 21.59
CA ILE A 212 -9.08 17.65 20.55
C ILE A 212 -9.84 17.31 19.25
N THR A 213 -11.11 16.83 19.37
CA THR A 213 -11.99 16.45 18.26
C THR A 213 -12.36 17.62 17.36
N THR A 214 -12.30 18.85 17.88
CA THR A 214 -12.61 20.08 17.14
C THR A 214 -11.46 20.45 16.18
N GLN A 215 -10.29 19.78 16.30
CA GLN A 215 -9.15 19.98 15.42
C GLN A 215 -9.39 19.06 14.21
N PHE A 216 -10.35 19.46 13.35
CA PHE A 216 -10.78 18.70 12.17
C PHE A 216 -9.71 18.59 11.08
N HIS A 217 -8.75 19.55 11.03
CA HIS A 217 -7.65 19.51 10.07
C HIS A 217 -6.63 18.44 10.48
N ALA A 218 -6.56 18.13 11.80
CA ALA A 218 -5.70 17.08 12.34
C ALA A 218 -6.32 15.73 11.99
N TRP A 219 -7.67 15.62 12.06
CA TRP A 219 -8.44 14.43 11.70
C TRP A 219 -8.36 14.18 10.19
N TRP A 220 -8.17 15.26 9.41
CA TRP A 220 -8.01 15.22 7.95
C TRP A 220 -6.71 14.46 7.62
N HIS A 221 -5.62 14.72 8.38
CA HIS A 221 -4.32 14.04 8.23
C HIS A 221 -4.47 12.56 8.61
N ILE A 222 -5.27 12.28 9.65
CA ILE A 222 -5.57 10.94 10.18
C ILE A 222 -6.36 10.13 9.13
N LEU A 223 -7.33 10.75 8.47
CA LEU A 223 -8.18 10.08 7.48
C LEU A 223 -7.56 9.98 6.09
N THR A 224 -6.91 11.05 5.59
CA THR A 224 -6.28 11.02 4.26
C THR A 224 -5.01 10.18 4.27
N GLY A 225 -4.30 10.18 5.40
CA GLY A 225 -3.09 9.39 5.61
C GLY A 225 -3.39 7.90 5.65
N LEU A 226 -4.55 7.54 6.23
CA LEU A 226 -5.05 6.17 6.31
C LEU A 226 -5.68 5.79 4.97
N GLY A 227 -6.30 6.78 4.31
CA GLY A 227 -6.94 6.63 3.01
C GLY A 227 -5.97 6.39 1.89
N SER A 228 -4.82 7.09 1.90
CA SER A 228 -3.75 6.94 0.92
C SER A 228 -3.01 5.63 1.14
N TYR A 229 -2.93 5.22 2.39
CA TYR A 229 -2.32 3.97 2.74
C TYR A 229 -3.12 2.83 2.17
N LEU A 230 -4.42 2.94 2.25
CA LEU A 230 -5.34 1.97 1.72
C LEU A 230 -5.29 1.90 0.24
N HIS A 231 -5.11 3.04 -0.39
CA HIS A 231 -5.02 3.08 -1.82
C HIS A 231 -3.81 2.35 -2.30
N ILE A 232 -2.70 2.49 -1.60
CA ILE A 232 -1.50 1.78 -1.96
C ILE A 232 -1.72 0.29 -1.79
N LEU A 233 -2.43 -0.11 -0.75
CA LEU A 233 -2.76 -1.49 -0.54
C LEU A 233 -3.60 -1.98 -1.67
N PHE A 234 -4.57 -1.20 -2.07
CA PHE A 234 -5.43 -1.51 -3.16
C PHE A 234 -4.67 -1.65 -4.43
N SER A 235 -3.74 -0.76 -4.67
CA SER A 235 -2.92 -0.76 -5.85
C SER A 235 -2.03 -1.98 -5.96
N LEU A 236 -1.44 -2.32 -4.83
CA LEU A 236 -0.57 -3.46 -4.68
C LEU A 236 -1.26 -4.77 -4.85
N TYR A 237 -2.44 -4.86 -4.30
CA TYR A 237 -3.32 -6.03 -4.40
C TYR A 237 -3.76 -6.28 -5.84
N THR A 238 -4.07 -5.20 -6.59
CA THR A 238 -4.46 -5.24 -8.01
C THR A 238 -3.35 -5.89 -8.84
N ARG A 239 -2.09 -5.50 -8.59
CA ARG A 239 -0.89 -6.03 -9.24
C ARG A 239 -0.65 -7.49 -8.86
N THR A 240 -0.80 -7.82 -7.55
CA THR A 240 -0.62 -9.16 -6.99
C THR A 240 -1.59 -10.17 -7.64
N LEU A 241 -2.87 -9.77 -7.83
CA LEU A 241 -3.91 -10.59 -8.45
C LEU A 241 -3.61 -10.86 -9.93
N TYR A 242 -3.02 -9.87 -10.63
CA TYR A 242 -2.66 -9.96 -12.05
C TYR A 242 -1.43 -10.83 -12.28
N LEU A 243 -0.41 -10.70 -11.42
CA LEU A 243 0.84 -11.46 -11.53
C LEU A 243 0.75 -12.85 -10.91
N ARG A 244 -0.37 -13.14 -10.22
CA ARG A 244 -0.67 -14.40 -9.55
C ARG A 244 -0.69 -15.59 -10.52
N ALA A 245 -0.08 -16.71 -10.09
CA ALA A 245 0.01 -17.95 -10.84
C ALA A 245 -1.30 -18.74 -10.76
N ASP A 246 -1.62 -19.51 -11.83
CA ASP A 246 -2.80 -20.37 -11.87
C ASP A 246 -2.40 -21.82 -11.55
N LEU A 247 -3.31 -22.81 -11.73
CA LEU A 247 -3.01 -24.23 -11.47
C LEU A 247 -1.93 -24.74 -12.42
N GLU A 248 -2.05 -24.41 -13.73
CA GLU A 248 -1.09 -24.80 -14.78
C GLU A 248 0.32 -24.28 -14.49
N ASP A 249 0.42 -23.04 -13.97
CA ASP A 249 1.69 -22.42 -13.60
C ASP A 249 2.30 -23.14 -12.39
N ASN A 250 1.48 -23.39 -11.35
CA ASN A 250 1.87 -24.07 -10.11
C ASN A 250 2.29 -25.52 -10.35
N TRP A 251 1.56 -26.25 -11.24
CA TRP A 251 1.86 -27.63 -11.61
C TRP A 251 3.21 -27.70 -12.32
N GLU A 252 3.51 -26.69 -13.17
CA GLU A 252 4.77 -26.55 -13.89
C GLU A 252 5.90 -26.25 -12.89
N THR A 253 5.65 -25.33 -11.92
CA THR A 253 6.59 -24.93 -10.86
C THR A 253 6.92 -26.14 -9.97
N LEU A 254 5.89 -26.94 -9.64
CA LEU A 254 5.99 -28.15 -8.82
C LEU A 254 6.90 -29.18 -9.47
N ASN A 255 6.72 -29.41 -10.79
CA ASN A 255 7.48 -30.39 -11.57
C ASN A 255 8.88 -29.92 -11.95
N ASP A 256 9.05 -28.63 -12.31
CA ASP A 256 10.36 -28.05 -12.67
C ASP A 256 11.31 -28.16 -11.49
N ASN A 257 10.84 -27.75 -10.28
CA ASN A 257 11.61 -27.80 -9.04
C ASN A 257 11.86 -29.24 -8.57
N LEU A 258 10.97 -30.18 -8.95
CA LEU A 258 11.11 -31.62 -8.64
C LEU A 258 12.28 -32.20 -9.45
N LYS A 259 12.44 -31.74 -10.70
CA LYS A 259 13.55 -32.15 -11.57
C LYS A 259 14.84 -31.44 -11.14
N VAL A 260 14.70 -30.24 -10.52
CA VAL A 260 15.82 -29.46 -9.98
C VAL A 260 16.44 -30.23 -8.81
N ILE A 261 15.61 -30.79 -7.90
CA ILE A 261 16.04 -31.61 -6.75
C ILE A 261 16.81 -32.85 -7.23
N GLU A 262 16.24 -33.59 -8.22
CA GLU A 262 16.82 -34.79 -8.82
C GLU A 262 18.22 -34.55 -9.41
N LYS A 263 18.40 -33.41 -10.10
CA LYS A 263 19.65 -33.03 -10.78
C LYS A 263 20.54 -32.07 -9.96
N ALA A 264 20.13 -31.71 -8.73
CA ALA A 264 20.87 -30.79 -7.86
C ALA A 264 22.23 -31.33 -7.41
N ASP A 265 23.18 -30.42 -7.20
CA ASP A 265 24.55 -30.74 -6.78
C ASP A 265 24.89 -30.13 -5.41
N ASN A 266 24.21 -29.04 -5.02
CA ASN A 266 24.42 -28.35 -3.74
C ASN A 266 23.14 -28.20 -2.91
N ALA A 267 23.31 -27.94 -1.59
CA ALA A 267 22.24 -27.78 -0.60
C ALA A 267 21.26 -26.65 -0.92
N ALA A 268 21.78 -25.51 -1.42
CA ALA A 268 20.97 -24.33 -1.76
C ALA A 268 19.96 -24.61 -2.87
N GLN A 269 20.33 -25.39 -3.87
CA GLN A 269 19.40 -25.74 -4.91
C GLN A 269 18.27 -26.59 -4.42
N VAL A 270 18.58 -27.59 -3.62
CA VAL A 270 17.61 -28.49 -3.08
C VAL A 270 16.67 -27.77 -2.16
N LYS A 271 17.19 -26.91 -1.33
CA LYS A 271 16.37 -26.19 -0.42
C LYS A 271 15.47 -25.21 -1.08
N ASP A 272 15.98 -24.51 -2.06
CA ASP A 272 15.26 -23.52 -2.80
C ASP A 272 14.13 -24.12 -3.58
N ALA A 273 14.42 -25.23 -4.18
CA ALA A 273 13.45 -25.96 -4.99
C ALA A 273 12.32 -26.50 -4.13
N LEU A 274 12.63 -27.00 -2.91
CA LEU A 274 11.63 -27.51 -1.97
C LEU A 274 10.72 -26.40 -1.46
N THR A 275 11.29 -25.19 -1.21
CA THR A 275 10.57 -23.99 -0.76
C THR A 275 9.57 -23.55 -1.85
N LYS A 276 10.04 -23.48 -3.12
CA LYS A 276 9.22 -23.11 -4.27
C LYS A 276 8.17 -24.19 -4.56
N MET A 277 8.55 -25.46 -4.35
CA MET A 277 7.68 -26.63 -4.54
C MET A 277 6.55 -26.63 -3.51
N ARG A 278 6.84 -26.27 -2.24
CA ARG A 278 5.86 -26.19 -1.15
C ARG A 278 4.82 -25.09 -1.42
N ALA A 279 5.28 -23.92 -1.89
CA ALA A 279 4.42 -22.77 -2.23
C ALA A 279 3.49 -23.12 -3.39
N ALA A 280 4.02 -23.84 -4.40
CA ALA A 280 3.26 -24.28 -5.58
C ALA A 280 2.28 -25.39 -5.21
N ALA A 281 2.67 -26.32 -4.30
CA ALA A 281 1.84 -27.43 -3.82
C ALA A 281 0.60 -26.95 -3.08
N LEU A 282 0.76 -25.99 -2.15
CA LEU A 282 -0.33 -25.42 -1.36
C LEU A 282 -1.28 -24.60 -2.22
N ASP A 283 -0.75 -23.94 -3.27
CA ASP A 283 -1.53 -23.14 -4.21
C ASP A 283 -2.32 -24.04 -5.17
N ALA A 284 -1.72 -25.17 -5.61
CA ALA A 284 -2.35 -26.12 -6.51
C ALA A 284 -3.39 -27.00 -5.79
N GLN A 285 -3.22 -27.18 -4.46
CA GLN A 285 -4.13 -27.95 -3.59
C GLN A 285 -5.51 -27.29 -3.54
N LYS A 286 -5.54 -25.94 -3.52
CA LYS A 286 -6.77 -25.13 -3.47
C LYS A 286 -7.53 -25.18 -4.80
N ALA A 287 -6.80 -25.19 -5.93
CA ALA A 287 -7.36 -25.20 -7.29
C ALA A 287 -7.99 -26.53 -7.69
N THR A 288 -8.79 -26.49 -8.77
CA THR A 288 -9.49 -27.62 -9.36
C THR A 288 -8.83 -28.00 -10.71
N PRO A 289 -8.30 -29.25 -10.85
CA PRO A 289 -7.66 -29.63 -12.13
C PRO A 289 -8.63 -29.74 -13.31
N PRO A 290 -8.15 -29.68 -14.59
CA PRO A 290 -9.08 -29.73 -15.74
C PRO A 290 -9.99 -30.95 -15.82
N LYS A 291 -9.52 -32.14 -15.37
CA LYS A 291 -10.31 -33.37 -15.39
C LYS A 291 -11.43 -33.38 -14.33
N LEU A 292 -11.31 -32.54 -13.28
CA LEU A 292 -12.29 -32.43 -12.20
C LEU A 292 -13.09 -31.10 -12.24
N GLU A 293 -12.93 -30.33 -13.34
CA GLU A 293 -13.58 -29.03 -13.57
C GLU A 293 -15.11 -29.07 -13.56
N ASP A 294 -15.70 -30.23 -13.93
CA ASP A 294 -17.15 -30.44 -13.95
C ASP A 294 -17.70 -30.81 -12.56
N LYS A 295 -16.91 -31.58 -11.79
CA LYS A 295 -17.26 -32.05 -10.44
C LYS A 295 -17.17 -30.93 -9.39
N SER A 296 -17.87 -31.14 -8.25
CA SER A 296 -17.93 -30.24 -7.10
C SER A 296 -16.58 -30.24 -6.34
N PRO A 297 -16.16 -29.10 -5.72
CA PRO A 297 -14.88 -29.11 -4.99
C PRO A 297 -14.83 -30.00 -3.75
N ASP A 298 -15.99 -30.49 -3.28
CA ASP A 298 -16.12 -31.37 -2.12
C ASP A 298 -16.38 -32.85 -2.51
N SER A 299 -16.30 -33.17 -3.83
CA SER A 299 -16.50 -34.53 -4.35
C SER A 299 -15.40 -35.50 -3.90
N PRO A 300 -15.66 -36.84 -3.81
CA PRO A 300 -14.59 -37.77 -3.36
C PRO A 300 -13.30 -37.74 -4.19
N GLU A 301 -13.43 -37.49 -5.52
CA GLU A 301 -12.29 -37.40 -6.44
C GLU A 301 -11.48 -36.14 -6.11
N MET A 302 -12.17 -35.04 -5.73
CA MET A 302 -11.56 -33.78 -5.35
C MET A 302 -10.89 -33.87 -3.98
N LYS A 303 -11.51 -34.61 -3.04
CA LYS A 303 -10.97 -34.84 -1.70
C LYS A 303 -9.69 -35.69 -1.81
N ASP A 304 -9.64 -36.59 -2.81
CA ASP A 304 -8.49 -37.46 -3.10
C ASP A 304 -7.33 -36.64 -3.69
N PHE A 305 -7.65 -35.61 -4.51
CA PHE A 305 -6.69 -34.69 -5.13
C PHE A 305 -6.03 -33.84 -4.02
N ARG A 306 -6.84 -33.38 -3.05
CA ARG A 306 -6.39 -32.59 -1.90
C ARG A 306 -5.62 -33.47 -0.91
N HIS A 307 -6.02 -34.74 -0.76
CA HIS A 307 -5.36 -35.72 0.11
C HIS A 307 -3.97 -36.06 -0.40
N GLY A 308 -3.84 -36.17 -1.72
CA GLY A 308 -2.57 -36.43 -2.39
C GLY A 308 -1.59 -35.29 -2.19
N PHE A 309 -2.12 -34.05 -2.20
CA PHE A 309 -1.34 -32.85 -1.95
C PHE A 309 -0.98 -32.72 -0.48
N ASP A 310 -1.85 -33.22 0.44
CA ASP A 310 -1.60 -33.21 1.89
C ASP A 310 -0.37 -34.10 2.20
N ILE A 311 -0.28 -35.27 1.52
CA ILE A 311 0.84 -36.22 1.64
C ILE A 311 2.10 -35.58 1.05
N LEU A 312 1.97 -34.95 -0.15
CA LEU A 312 3.07 -34.27 -0.85
C LEU A 312 3.66 -33.11 -0.03
N VAL A 313 2.79 -32.21 0.50
CA VAL A 313 3.20 -31.07 1.35
C VAL A 313 3.98 -31.59 2.56
N GLY A 314 3.42 -32.62 3.22
CA GLY A 314 4.01 -33.29 4.36
C GLY A 314 5.39 -33.83 4.06
N GLN A 315 5.53 -34.53 2.93
CA GLN A 315 6.80 -35.10 2.45
C GLN A 315 7.80 -34.02 2.02
N ILE A 316 7.30 -32.85 1.53
CA ILE A 316 8.13 -31.69 1.16
C ILE A 316 8.67 -31.10 2.48
N ASP A 317 7.80 -31.01 3.52
CA ASP A 317 8.14 -30.52 4.85
C ASP A 317 9.16 -31.44 5.53
N ASP A 318 9.07 -32.77 5.29
CA ASP A 318 9.99 -33.77 5.80
C ASP A 318 11.36 -33.59 5.15
N ALA A 319 11.36 -33.34 3.81
CA ALA A 319 12.55 -33.10 3.01
C ALA A 319 13.21 -31.76 3.35
N LEU A 320 12.40 -30.74 3.69
CA LEU A 320 12.89 -29.42 4.10
C LEU A 320 13.56 -29.52 5.46
N LYS A 321 12.99 -30.37 6.35
CA LYS A 321 13.51 -30.63 7.70
C LYS A 321 14.89 -31.28 7.58
N LEU A 322 15.06 -32.23 6.63
CA LEU A 322 16.32 -32.91 6.35
C LEU A 322 17.35 -31.90 5.83
N ALA A 323 16.92 -30.98 4.94
CA ALA A 323 17.75 -29.93 4.35
C ALA A 323 18.19 -28.93 5.43
N ASN A 324 17.28 -28.60 6.38
CA ASN A 324 17.54 -27.71 7.51
C ASN A 324 18.37 -28.39 8.61
N GLU A 325 18.60 -29.72 8.48
CA GLU A 325 19.40 -30.51 9.41
C GLU A 325 20.79 -30.83 8.85
N GLY A 326 21.03 -30.42 7.61
CA GLY A 326 22.30 -30.64 6.91
C GLY A 326 22.37 -31.97 6.19
N LYS A 327 21.22 -32.68 6.09
CA LYS A 327 21.11 -33.97 5.42
C LYS A 327 20.67 -33.73 3.98
N VAL A 328 21.61 -33.18 3.18
CA VAL A 328 21.47 -32.80 1.77
C VAL A 328 21.10 -33.99 0.88
N LYS A 329 21.90 -35.09 0.96
CA LYS A 329 21.71 -36.32 0.19
C LYS A 329 20.36 -36.99 0.45
N GLU A 330 19.91 -36.98 1.71
CA GLU A 330 18.62 -37.55 2.15
C GLU A 330 17.46 -36.71 1.63
N ALA A 331 17.61 -35.36 1.63
CA ALA A 331 16.63 -34.41 1.14
C ALA A 331 16.53 -34.49 -0.39
N GLN A 332 17.67 -34.74 -1.05
CA GLN A 332 17.79 -34.89 -2.50
C GLN A 332 17.08 -36.18 -2.95
N ALA A 333 17.21 -37.26 -2.16
CA ALA A 333 16.62 -38.57 -2.41
C ALA A 333 15.10 -38.61 -2.19
N ALA A 334 14.53 -37.55 -1.57
CA ALA A 334 13.09 -37.43 -1.33
C ALA A 334 12.33 -37.13 -2.61
N ALA A 335 13.03 -36.64 -3.66
CA ALA A 335 12.47 -36.32 -4.98
C ALA A 335 11.74 -37.50 -5.61
N GLU A 336 12.30 -38.73 -5.49
CA GLU A 336 11.69 -39.96 -6.01
C GLU A 336 10.42 -40.30 -5.23
N GLN A 337 10.40 -40.03 -3.90
CA GLN A 337 9.23 -40.25 -3.03
C GLN A 337 8.14 -39.26 -3.43
N LEU A 338 8.51 -38.00 -3.71
CA LEU A 338 7.60 -36.93 -4.14
C LEU A 338 7.06 -37.22 -5.53
N LYS A 339 7.89 -37.83 -6.40
CA LYS A 339 7.55 -38.22 -7.76
C LYS A 339 6.55 -39.38 -7.72
N THR A 340 6.75 -40.33 -6.79
CA THR A 340 5.88 -41.50 -6.61
C THR A 340 4.50 -41.10 -6.06
N THR A 341 4.45 -40.24 -5.01
CA THR A 341 3.21 -39.79 -4.40
C THR A 341 2.37 -38.92 -5.37
N ARG A 342 3.03 -38.16 -6.27
CA ARG A 342 2.27 -37.37 -7.25
C ARG A 342 1.74 -38.28 -8.36
N ASN A 343 2.51 -39.33 -8.75
CA ASN A 343 2.11 -40.30 -9.77
C ASN A 343 0.99 -41.21 -9.28
N ALA A 344 0.90 -41.45 -7.96
CA ALA A 344 -0.11 -42.32 -7.36
C ALA A 344 -1.39 -41.64 -6.87
N TYR A 345 -1.33 -40.31 -6.58
CA TYR A 345 -2.50 -39.60 -6.05
C TYR A 345 -2.90 -38.30 -6.76
N ILE A 346 -1.98 -37.64 -7.51
CA ILE A 346 -2.28 -36.35 -8.14
C ILE A 346 -2.36 -36.39 -9.69
N GLN A 347 -1.32 -36.96 -10.34
CA GLN A 347 -1.12 -37.09 -11.80
C GLN A 347 -2.36 -37.56 -12.59
N LYS A 348 -3.15 -38.49 -12.03
CA LYS A 348 -4.36 -39.03 -12.66
C LYS A 348 -5.47 -37.98 -12.87
N TYR A 349 -5.47 -36.91 -12.06
CA TYR A 349 -6.47 -35.84 -12.13
C TYR A 349 -6.08 -34.68 -13.05
N LEU A 350 -4.85 -34.69 -13.60
CA LEU A 350 -4.39 -33.65 -14.51
C LEU A 350 -4.32 -34.12 -15.96
#